data_6CFU
#
_entry.id   6CFU
#
_cell.length_a   50.650
_cell.length_b   50.650
_cell.length_c   213.410
_cell.angle_alpha   90.00
_cell.angle_beta   90.00
_cell.angle_gamma   90.00
#
_symmetry.space_group_name_H-M   'P 43 21 2'
#
loop_
_entity.id
_entity.type
_entity.pdbx_description
1 polymer 'Phosphomannomutase 1'
2 non-polymer 'MAGNESIUM ION'
3 water water
#
_entity_poly.entity_id   1
_entity_poly.type   'polypeptide(L)'
_entity_poly.pdbx_seq_one_letter_code
;MAVTAQAARRKERVLCLFDVDGTLTPARQKIDPEVAAFLQKLRSRVQIGVVGGSDYCKIAEQLGDGDEVIEKFDYVFAEN
GTVQYKHGRLLSKQTIQNHLGEELLQDLINFCLSYMALLRLPKKRGTFIEFRNGMLNISPIGRSCTLEERIEFSELDKKE
KIREKFVEALKTEFAGKGLKFSKGGMISFDVFPEGWDKRYCLDSLDQDSFDTIHFFGNETSPGGNDFEIFADPRTVGHSV
VSPQDTVQRCREIFFPETAHEA
;
_entity_poly.pdbx_strand_id   A
#
loop_
_chem_comp.id
_chem_comp.type
_chem_comp.name
_chem_comp.formula
MG non-polymer 'MAGNESIUM ION' 'Mg 2'
#
# COMPACT_ATOMS: atom_id res chain seq x y z
N GLU A 12 -13.36 24.04 5.25
CA GLU A 12 -12.50 24.76 6.21
C GLU A 12 -11.55 23.81 6.96
N ARG A 13 -12.05 22.63 7.33
CA ARG A 13 -11.18 21.55 7.79
C ARG A 13 -10.79 20.68 6.58
N VAL A 14 -9.56 20.84 6.11
CA VAL A 14 -9.11 20.13 4.92
C VAL A 14 -7.97 19.17 5.21
N LEU A 15 -8.04 17.99 4.63
CA LEU A 15 -6.95 17.02 4.68
C LEU A 15 -6.45 16.76 3.28
N CYS A 16 -5.12 16.79 3.11
CA CYS A 16 -4.50 16.23 1.92
C CYS A 16 -3.89 14.89 2.25
N LEU A 17 -4.26 13.89 1.46
CA LEU A 17 -3.88 12.49 1.67
C LEU A 17 -3.08 12.00 0.46
N PHE A 18 -1.85 11.60 0.70
CA PHE A 18 -0.95 11.22 -0.39
C PHE A 18 -0.61 9.76 -0.34
N ASP A 19 -0.62 9.15 -1.50
CA ASP A 19 0.06 7.89 -1.69
C ASP A 19 1.56 8.17 -1.53
N VAL A 20 2.35 7.15 -1.24
CA VAL A 20 3.78 7.31 -1.04
C VAL A 20 4.64 7.08 -2.31
N ASP A 21 4.77 5.82 -2.73
CA ASP A 21 5.61 5.48 -3.89
C ASP A 21 5.17 6.16 -5.18
N GLY A 22 6.04 7.01 -5.72
CA GLY A 22 5.73 7.69 -6.97
C GLY A 22 4.98 9.01 -6.80
N THR A 23 4.36 9.20 -5.64
CA THR A 23 3.57 10.38 -5.40
C THR A 23 4.31 11.40 -4.55
N LEU A 24 5.01 10.93 -3.52
CA LEU A 24 5.79 11.82 -2.68
C LEU A 24 7.28 11.53 -2.81
N THR A 25 7.58 10.26 -3.04
CA THR A 25 8.95 9.76 -3.02
C THR A 25 9.22 8.96 -4.27
N PRO A 26 10.48 8.92 -4.70
CA PRO A 26 10.87 7.92 -5.69
C PRO A 26 10.53 6.57 -5.07
N ALA A 27 10.04 5.63 -5.87
CA ALA A 27 9.58 4.33 -5.37
C ALA A 27 10.55 3.63 -4.42
N ARG A 28 10.03 3.28 -3.24
CA ARG A 28 10.79 2.60 -2.18
C ARG A 28 12.00 3.38 -1.66
N GLN A 29 12.05 4.68 -1.93
CA GLN A 29 13.21 5.48 -1.54
C GLN A 29 12.89 6.68 -0.68
N LYS A 30 13.93 7.27 -0.10
CA LYS A 30 13.78 8.45 0.75
C LYS A 30 13.17 9.60 -0.04
N ILE A 31 12.42 10.43 0.67
CA ILE A 31 11.82 11.64 0.11
C ILE A 31 12.88 12.72 -0.11
N ASP A 32 12.72 13.49 -1.17
CA ASP A 32 13.57 14.63 -1.45
C ASP A 32 13.26 15.65 -0.37
N PRO A 33 14.30 16.21 0.28
CA PRO A 33 14.16 17.22 1.33
C PRO A 33 13.36 18.43 0.89
N GLU A 34 13.29 18.64 -0.42
CA GLU A 34 12.53 19.74 -1.01
C GLU A 34 11.03 19.46 -1.05
N VAL A 35 10.67 18.22 -1.37
CA VAL A 35 9.27 17.80 -1.27
C VAL A 35 8.88 17.84 0.20
N ALA A 36 9.67 17.17 1.03
CA ALA A 36 9.46 17.15 2.47
C ALA A 36 9.24 18.55 2.99
N ALA A 37 10.15 19.46 2.63
CA ALA A 37 10.02 20.87 3.01
C ALA A 37 8.70 21.46 2.56
N PHE A 38 8.24 21.10 1.36
CA PHE A 38 6.98 21.65 0.90
C PHE A 38 5.79 21.14 1.72
N LEU A 39 5.80 19.83 1.99
CA LEU A 39 4.71 19.20 2.74
C LEU A 39 4.48 19.87 4.09
N GLN A 40 5.56 20.28 4.75
CA GLN A 40 5.42 21.03 5.99
C GLN A 40 4.81 22.41 5.74
N LYS A 41 5.12 23.00 4.58
CA LYS A 41 4.53 24.29 4.26
C LYS A 41 3.03 24.15 3.99
N LEU A 42 2.67 23.13 3.24
CA LEU A 42 1.28 22.78 2.96
C LEU A 42 0.49 22.62 4.26
N ARG A 43 1.19 22.15 5.29
CA ARG A 43 0.59 21.83 6.58
C ARG A 43 0.12 23.06 7.32
N SER A 44 0.60 24.25 6.93
CA SER A 44 0.14 25.48 7.57
C SER A 44 -1.32 25.80 7.19
N ARG A 45 -1.77 25.24 6.08
CA ARG A 45 -3.11 25.48 5.57
C ARG A 45 -4.04 24.32 5.86
N VAL A 46 -3.51 23.11 5.80
CA VAL A 46 -4.31 21.91 5.85
C VAL A 46 -3.57 20.84 6.65
N GLN A 47 -4.30 19.83 7.11
CA GLN A 47 -3.67 18.67 7.71
C GLN A 47 -3.18 17.80 6.57
N ILE A 48 -2.17 16.99 6.83
CA ILE A 48 -1.63 16.13 5.77
C ILE A 48 -1.44 14.71 6.25
N GLY A 49 -1.54 13.75 5.33
CA GLY A 49 -1.34 12.37 5.70
C GLY A 49 -0.86 11.57 4.52
N VAL A 50 -0.38 10.35 4.80
CA VAL A 50 0.02 9.40 3.76
C VAL A 50 -0.72 8.08 3.89
N VAL A 51 -0.91 7.39 2.77
CA VAL A 51 -1.39 6.01 2.80
C VAL A 51 -0.57 5.12 1.86
N GLY A 52 0.05 4.08 2.41
CA GLY A 52 0.82 3.17 1.58
C GLY A 52 0.45 1.71 1.77
N GLY A 53 0.74 0.90 0.76
CA GLY A 53 0.50 -0.53 0.86
C GLY A 53 1.46 -1.20 1.85
N SER A 54 2.66 -0.65 1.98
CA SER A 54 3.73 -1.25 2.78
C SER A 54 3.47 -1.19 4.27
N ASP A 55 4.28 -1.91 5.05
CA ASP A 55 4.20 -1.86 6.51
C ASP A 55 4.67 -0.51 7.00
N TYR A 56 4.40 -0.23 8.27
CA TYR A 56 4.78 1.03 8.87
C TYR A 56 6.28 1.34 8.80
N CYS A 57 7.13 0.35 9.11
CA CYS A 57 8.57 0.59 9.20
C CYS A 57 9.11 1.02 7.85
N LYS A 58 8.67 0.33 6.81
CA LYS A 58 9.06 0.71 5.45
C LYS A 58 8.65 2.16 5.14
N ILE A 59 7.40 2.52 5.42
CA ILE A 59 6.92 3.88 5.19
C ILE A 59 7.70 4.90 6.04
N ALA A 60 7.91 4.56 7.30
CA ALA A 60 8.65 5.41 8.23
C ALA A 60 10.06 5.70 7.73
N GLU A 61 10.70 4.68 7.17
CA GLU A 61 12.05 4.81 6.65
C GLU A 61 12.13 5.82 5.49
N GLN A 62 11.16 5.76 4.59
CA GLN A 62 11.16 6.60 3.41
C GLN A 62 10.93 8.08 3.71
N LEU A 63 10.32 8.37 4.86
CA LEU A 63 9.76 9.70 5.07
C LEU A 63 10.41 10.55 6.17
N GLY A 64 11.46 10.01 6.78
CA GLY A 64 12.23 10.76 7.78
C GLY A 64 13.18 9.82 8.49
N ASP A 65 13.63 10.22 9.68
CA ASP A 65 14.47 9.36 10.50
C ASP A 65 13.65 8.64 11.57
N GLY A 66 13.83 7.33 11.67
CA GLY A 66 13.18 6.55 12.72
C GLY A 66 11.66 6.62 12.68
N ASP A 67 11.07 7.28 13.69
CA ASP A 67 9.62 7.37 13.78
C ASP A 67 9.11 8.80 13.60
N GLU A 68 9.98 9.68 13.09
CA GLU A 68 9.63 11.08 12.85
C GLU A 68 8.39 11.29 11.97
N VAL A 69 8.15 10.33 11.08
CA VAL A 69 7.04 10.38 10.15
C VAL A 69 5.70 10.69 10.84
N ILE A 70 5.48 10.14 12.03
CA ILE A 70 4.23 10.35 12.76
C ILE A 70 4.16 11.76 13.34
N GLU A 71 5.29 12.46 13.34
CA GLU A 71 5.32 13.82 13.84
C GLU A 71 5.18 14.80 12.69
N LYS A 72 5.75 14.40 11.55
CA LYS A 72 5.74 15.23 10.35
C LYS A 72 4.40 15.12 9.63
N PHE A 73 3.70 14.00 9.78
CA PHE A 73 2.38 13.87 9.17
C PHE A 73 1.30 13.76 10.22
N ASP A 74 0.14 14.31 9.89
CA ASP A 74 -0.99 14.21 10.79
C ASP A 74 -1.55 12.80 10.79
N TYR A 75 -1.46 12.13 9.65
CA TYR A 75 -1.98 10.77 9.51
C TYR A 75 -0.95 9.87 8.83
N VAL A 76 -0.71 8.72 9.42
CA VAL A 76 0.11 7.71 8.77
C VAL A 76 -0.67 6.41 8.68
N PHE A 77 -1.15 6.10 7.47
CA PHE A 77 -1.93 4.90 7.21
C PHE A 77 -1.06 3.92 6.46
N ALA A 78 -0.61 2.89 7.16
CA ALA A 78 0.20 1.86 6.53
C ALA A 78 -0.66 0.65 6.29
N GLU A 79 -0.22 -0.19 5.35
CA GLU A 79 -0.94 -1.40 5.01
C GLU A 79 -2.37 -1.04 4.65
N ASN A 80 -2.47 0.00 3.80
CA ASN A 80 -3.76 0.46 3.27
C ASN A 80 -4.68 1.14 4.30
N GLY A 81 -4.20 1.35 5.52
CA GLY A 81 -5.03 1.93 6.56
C GLY A 81 -5.41 0.95 7.65
N THR A 82 -5.19 -0.34 7.43
CA THR A 82 -5.40 -1.34 8.46
C THR A 82 -4.56 -1.01 9.71
N VAL A 83 -3.43 -0.36 9.48
CA VAL A 83 -2.64 0.22 10.55
C VAL A 83 -2.70 1.75 10.43
N GLN A 84 -3.02 2.41 11.53
CA GLN A 84 -3.20 3.84 11.49
C GLN A 84 -2.53 4.60 12.64
N TYR A 85 -1.69 5.57 12.29
CA TYR A 85 -1.25 6.57 13.25
C TYR A 85 -2.01 7.88 13.06
N LYS A 86 -2.39 8.52 14.15
CA LYS A 86 -3.16 9.77 14.07
C LYS A 86 -2.64 10.77 15.09
N HIS A 87 -2.06 11.86 14.61
CA HIS A 87 -1.51 12.91 15.47
C HIS A 87 -0.50 12.42 16.51
N GLY A 88 0.40 11.54 16.08
CA GLY A 88 1.53 11.13 16.88
C GLY A 88 1.35 9.79 17.56
N ARG A 89 0.15 9.24 17.48
CA ARG A 89 -0.17 8.05 18.26
C ARG A 89 -0.82 6.95 17.44
N LEU A 90 -0.61 5.72 17.87
CA LEU A 90 -1.16 4.54 17.21
C LEU A 90 -2.64 4.30 17.58
N LEU A 91 -3.46 4.01 16.58
CA LEU A 91 -4.84 3.51 16.74
C LEU A 91 -4.89 2.04 16.34
N SER A 92 -5.62 1.23 17.10
CA SER A 92 -5.56 -0.22 16.89
C SER A 92 -5.91 -0.65 15.46
N LYS A 93 -5.61 -1.90 15.16
CA LYS A 93 -5.74 -2.42 13.82
C LYS A 93 -6.69 -3.61 13.84
N GLN A 94 -7.54 -3.74 12.84
CA GLN A 94 -8.33 -4.97 12.71
C GLN A 94 -7.42 -6.03 12.09
N THR A 95 -7.71 -7.28 12.38
CA THR A 95 -6.87 -8.35 11.88
C THR A 95 -7.55 -9.03 10.73
N ILE A 96 -6.75 -9.36 9.70
CA ILE A 96 -7.28 -10.04 8.53
C ILE A 96 -8.02 -11.31 8.95
N GLN A 97 -7.50 -12.02 9.96
CA GLN A 97 -8.17 -13.21 10.44
C GLN A 97 -9.47 -12.94 11.20
N ASN A 98 -9.56 -11.83 11.92
CA ASN A 98 -10.83 -11.46 12.55
C ASN A 98 -11.87 -11.19 11.46
N HIS A 99 -11.43 -10.49 10.41
CA HIS A 99 -12.32 -10.17 9.28
C HIS A 99 -12.67 -11.38 8.43
N LEU A 100 -11.67 -12.15 8.01
CA LEU A 100 -11.93 -13.31 7.15
C LEU A 100 -12.45 -14.53 7.91
N GLY A 101 -12.01 -14.68 9.15
CA GLY A 101 -12.27 -15.92 9.87
C GLY A 101 -11.23 -16.97 9.53
N GLU A 102 -11.09 -17.99 10.38
CA GLU A 102 -10.01 -18.97 10.28
C GLU A 102 -10.14 -19.94 9.10
N GLU A 103 -11.35 -20.36 8.80
CA GLU A 103 -11.56 -21.41 7.81
C GLU A 103 -11.18 -20.95 6.40
N LEU A 104 -11.70 -19.81 5.97
CA LEU A 104 -11.37 -19.29 4.65
C LEU A 104 -9.89 -18.95 4.58
N LEU A 105 -9.39 -18.34 5.65
CA LEU A 105 -7.98 -17.96 5.72
C LEU A 105 -7.06 -19.19 5.54
N GLN A 106 -7.46 -20.34 6.08
CA GLN A 106 -6.64 -21.56 5.97
C GLN A 106 -6.82 -22.26 4.62
N ASP A 107 -8.02 -22.22 4.07
CA ASP A 107 -8.23 -22.68 2.71
C ASP A 107 -7.27 -21.94 1.79
N LEU A 108 -7.20 -20.63 1.97
CA LEU A 108 -6.32 -19.78 1.18
C LEU A 108 -4.88 -20.22 1.35
N ILE A 109 -4.46 -20.33 2.61
CA ILE A 109 -3.10 -20.64 2.97
C ILE A 109 -2.67 -22.00 2.43
N ASN A 110 -3.51 -23.01 2.63
CA ASN A 110 -3.19 -24.34 2.15
C ASN A 110 -3.17 -24.42 0.63
N PHE A 111 -4.06 -23.68 -0.01
CA PHE A 111 -4.01 -23.60 -1.46
C PHE A 111 -2.67 -23.01 -1.90
N CYS A 112 -2.20 -21.97 -1.21
CA CYS A 112 -0.96 -21.31 -1.61
C CYS A 112 0.24 -22.21 -1.40
N LEU A 113 0.24 -22.92 -0.27
CA LEU A 113 1.27 -23.91 0.06
C LEU A 113 1.33 -25.04 -0.95
N SER A 114 0.16 -25.54 -1.33
CA SER A 114 0.09 -26.67 -2.24
C SER A 114 0.50 -26.29 -3.66
N TYR A 115 0.10 -25.09 -4.08
CA TYR A 115 0.55 -24.55 -5.36
C TYR A 115 2.07 -24.31 -5.38
N MET A 116 2.62 -23.72 -4.32
CA MET A 116 4.05 -23.40 -4.29
C MET A 116 4.91 -24.67 -4.19
N ALA A 117 4.39 -25.71 -3.54
CA ALA A 117 5.13 -26.96 -3.41
C ALA A 117 5.36 -27.57 -4.80
N LEU A 118 4.44 -27.29 -5.72
CA LEU A 118 4.52 -27.87 -7.04
C LEU A 118 5.36 -27.03 -8.00
N LEU A 119 5.70 -25.81 -7.61
CA LEU A 119 6.61 -24.98 -8.40
C LEU A 119 8.03 -25.51 -8.24
N ARG A 120 8.64 -25.94 -9.34
CA ARG A 120 10.05 -26.34 -9.29
C ARG A 120 10.85 -25.27 -10.04
N LEU A 121 11.63 -24.49 -9.31
CA LEU A 121 12.32 -23.32 -9.84
C LEU A 121 13.85 -23.55 -9.87
N PRO A 122 14.62 -22.59 -10.43
CA PRO A 122 16.07 -22.64 -10.20
C PRO A 122 16.42 -22.71 -8.72
N LYS A 123 15.94 -21.75 -7.93
CA LYS A 123 16.21 -21.66 -6.49
C LYS A 123 14.90 -21.44 -5.71
N LYS A 124 14.93 -21.70 -4.40
CA LYS A 124 13.89 -21.18 -3.50
C LYS A 124 14.54 -20.74 -2.21
N ARG A 125 13.88 -19.85 -1.48
CA ARG A 125 14.40 -19.39 -0.20
C ARG A 125 13.35 -19.55 0.90
N GLY A 126 13.08 -18.49 1.67
CA GLY A 126 12.19 -18.63 2.81
C GLY A 126 11.06 -17.63 2.89
N THR A 127 10.17 -17.82 3.86
CA THR A 127 9.08 -16.88 4.13
C THR A 127 8.19 -16.70 2.91
N PHE A 128 7.65 -17.81 2.41
CA PHE A 128 6.77 -17.80 1.26
C PHE A 128 5.45 -17.12 1.55
N ILE A 129 4.98 -17.24 2.79
CA ILE A 129 3.73 -16.63 3.21
C ILE A 129 3.93 -15.79 4.47
N GLU A 130 3.93 -14.46 4.32
CA GLU A 130 4.07 -13.57 5.47
C GLU A 130 2.74 -13.00 5.89
N PHE A 131 2.38 -13.29 7.13
CA PHE A 131 1.09 -12.88 7.69
C PHE A 131 1.22 -11.48 8.27
N ARG A 132 0.62 -10.48 7.62
CA ARG A 132 0.62 -9.10 8.14
C ARG A 132 -0.73 -8.77 8.77
N ASN A 133 -0.95 -7.50 9.07
CA ASN A 133 -2.26 -7.05 9.60
C ASN A 133 -3.39 -7.08 8.57
N GLY A 134 -3.17 -6.38 7.46
CA GLY A 134 -4.19 -6.28 6.43
C GLY A 134 -3.94 -7.07 5.16
N MET A 135 -3.05 -8.06 5.21
CA MET A 135 -2.86 -8.93 4.05
C MET A 135 -1.98 -10.14 4.33
N LEU A 136 -2.00 -11.09 3.40
CA LEU A 136 -0.97 -12.11 3.28
C LEU A 136 -0.08 -11.68 2.13
N ASN A 137 1.21 -11.56 2.39
CA ASN A 137 2.14 -11.29 1.32
C ASN A 137 2.71 -12.62 0.86
N ILE A 138 2.56 -12.94 -0.41
CA ILE A 138 2.95 -14.25 -0.93
C ILE A 138 4.12 -14.08 -1.86
N SER A 139 5.20 -14.80 -1.60
CA SER A 139 6.38 -14.69 -2.44
C SER A 139 6.83 -16.09 -2.91
N PRO A 140 6.58 -16.40 -4.19
CA PRO A 140 6.86 -17.73 -4.71
C PRO A 140 8.35 -18.11 -4.78
N ILE A 141 9.27 -17.17 -4.59
CA ILE A 141 10.69 -17.49 -4.41
C ILE A 141 11.08 -17.50 -2.93
N GLY A 142 10.78 -16.41 -2.23
CA GLY A 142 11.29 -16.22 -0.89
C GLY A 142 11.75 -14.83 -0.52
N ARG A 143 10.95 -14.18 0.30
CA ARG A 143 11.24 -12.88 0.91
C ARG A 143 12.63 -12.74 1.54
N SER A 144 13.39 -13.84 1.60
CA SER A 144 14.64 -13.90 2.39
C SER A 144 15.91 -13.86 1.53
N CYS A 145 15.80 -13.22 0.38
CA CYS A 145 16.83 -13.22 -0.64
C CYS A 145 17.58 -11.90 -0.62
N THR A 146 18.75 -11.87 -1.27
CA THR A 146 19.56 -10.65 -1.46
C THR A 146 19.23 -9.88 -2.74
N LEU A 147 20.01 -8.82 -3.03
CA LEU A 147 19.72 -7.97 -4.18
C LEU A 147 19.97 -8.66 -5.52
N GLU A 148 21.10 -9.36 -5.63
CA GLU A 148 21.38 -10.15 -6.82
C GLU A 148 20.28 -11.19 -7.08
N GLU A 149 19.76 -11.74 -5.99
CA GLU A 149 18.70 -12.75 -6.06
C GLU A 149 17.35 -12.15 -6.34
N ARG A 150 17.09 -10.95 -5.84
CA ARG A 150 15.84 -10.28 -6.14
C ARG A 150 15.74 -10.07 -7.63
N ILE A 151 16.83 -9.56 -8.21
CA ILE A 151 16.90 -9.28 -9.64
C ILE A 151 16.81 -10.57 -10.43
N GLU A 152 17.51 -11.59 -9.97
CA GLU A 152 17.42 -12.90 -10.61
C GLU A 152 15.98 -13.43 -10.67
N PHE A 153 15.25 -13.42 -9.56
CA PHE A 153 13.89 -13.96 -9.61
C PHE A 153 12.98 -13.03 -10.38
N SER A 154 13.26 -11.74 -10.28
CA SER A 154 12.46 -10.76 -10.99
C SER A 154 12.48 -11.08 -12.49
N GLU A 155 13.66 -11.41 -13.01
CA GLU A 155 13.79 -11.84 -14.39
C GLU A 155 13.02 -13.12 -14.66
N LEU A 156 13.10 -14.07 -13.72
CA LEU A 156 12.48 -15.35 -13.90
C LEU A 156 10.95 -15.21 -13.89
N ASP A 157 10.46 -14.38 -12.98
CA ASP A 157 9.02 -14.13 -12.88
C ASP A 157 8.47 -13.58 -14.19
N LYS A 158 9.16 -12.62 -14.80
CA LYS A 158 8.73 -12.05 -16.07
C LYS A 158 8.59 -13.11 -17.13
N LYS A 159 9.61 -13.97 -17.21
CA LYS A 159 9.67 -14.97 -18.25
C LYS A 159 8.66 -16.11 -18.04
N GLU A 160 8.47 -16.54 -16.80
CA GLU A 160 7.59 -17.65 -16.55
C GLU A 160 6.20 -17.20 -16.07
N LYS A 161 6.00 -15.89 -15.92
CA LYS A 161 4.74 -15.37 -15.37
C LYS A 161 4.35 -16.08 -14.06
N ILE A 162 5.29 -16.28 -13.17
CA ILE A 162 5.04 -17.07 -11.95
C ILE A 162 3.93 -16.48 -11.07
N ARG A 163 4.10 -15.23 -10.62
CA ARG A 163 3.09 -14.59 -9.79
C ARG A 163 1.73 -14.51 -10.50
N GLU A 164 1.77 -14.11 -11.76
CA GLU A 164 0.57 -13.90 -12.54
C GLU A 164 -0.27 -15.18 -12.70
N LYS A 165 0.39 -16.29 -13.01
CA LYS A 165 -0.34 -17.57 -13.14
C LYS A 165 -0.90 -18.03 -11.79
N PHE A 166 -0.12 -17.78 -10.73
CA PHE A 166 -0.52 -18.13 -9.37
C PHE A 166 -1.79 -17.32 -9.02
N VAL A 167 -1.76 -16.03 -9.29
CA VAL A 167 -2.92 -15.17 -9.06
C VAL A 167 -4.17 -15.60 -9.87
N GLU A 168 -3.98 -15.90 -11.15
CA GLU A 168 -5.10 -16.41 -11.95
C GLU A 168 -5.73 -17.61 -11.29
N ALA A 169 -4.90 -18.53 -10.82
CA ALA A 169 -5.39 -19.75 -10.19
C ALA A 169 -6.09 -19.48 -8.86
N LEU A 170 -5.51 -18.56 -8.08
CA LEU A 170 -6.12 -18.15 -6.83
C LEU A 170 -7.48 -17.45 -7.00
N LYS A 171 -7.58 -16.55 -7.97
CA LYS A 171 -8.83 -15.81 -8.19
C LYS A 171 -9.95 -16.73 -8.61
N THR A 172 -9.61 -17.74 -9.41
CA THR A 172 -10.59 -18.70 -9.88
C THR A 172 -11.07 -19.55 -8.71
N GLU A 173 -10.13 -20.13 -7.98
CA GLU A 173 -10.43 -20.98 -6.83
C GLU A 173 -11.31 -20.30 -5.80
N PHE A 174 -11.05 -19.02 -5.58
CA PHE A 174 -11.75 -18.29 -4.52
C PHE A 174 -12.76 -17.32 -5.08
N ALA A 175 -13.22 -17.61 -6.30
CA ALA A 175 -14.19 -16.77 -6.99
C ALA A 175 -15.43 -16.58 -6.13
N GLY A 176 -15.83 -15.33 -5.94
CA GLY A 176 -17.02 -15.03 -5.18
C GLY A 176 -16.82 -15.01 -3.67
N LYS A 177 -15.58 -15.20 -3.22
CA LYS A 177 -15.33 -15.34 -1.78
C LYS A 177 -14.66 -14.13 -1.14
N GLY A 178 -14.55 -13.04 -1.89
CA GLY A 178 -14.19 -11.76 -1.29
C GLY A 178 -12.71 -11.50 -1.04
N LEU A 179 -11.85 -12.00 -1.92
CA LEU A 179 -10.41 -11.75 -1.81
C LEU A 179 -9.93 -10.98 -3.01
N LYS A 180 -8.94 -10.13 -2.81
CA LYS A 180 -8.36 -9.36 -3.89
C LYS A 180 -6.87 -9.63 -3.94
N PHE A 181 -6.31 -9.49 -5.13
CA PHE A 181 -4.91 -9.75 -5.35
C PHE A 181 -4.32 -8.58 -6.13
N SER A 182 -3.19 -8.09 -5.68
CA SER A 182 -2.46 -7.06 -6.40
C SER A 182 -1.01 -7.34 -6.17
N LYS A 183 -0.19 -7.09 -7.19
CA LYS A 183 1.23 -7.36 -7.03
C LYS A 183 1.92 -6.39 -6.06
N GLY A 184 3.00 -6.88 -5.45
CA GLY A 184 3.85 -6.12 -4.55
C GLY A 184 5.21 -5.87 -5.17
N GLY A 185 5.19 -5.54 -6.47
CA GLY A 185 6.37 -5.08 -7.18
C GLY A 185 7.27 -6.19 -7.71
N MET A 186 8.20 -6.62 -6.88
CA MET A 186 9.14 -7.67 -7.23
C MET A 186 8.95 -8.88 -6.31
N ILE A 187 8.92 -10.06 -6.92
CA ILE A 187 8.87 -11.34 -6.22
C ILE A 187 7.62 -11.66 -5.39
N SER A 188 6.75 -10.69 -5.13
CA SER A 188 5.60 -10.99 -4.25
C SER A 188 4.25 -10.39 -4.67
N PHE A 189 3.17 -10.96 -4.17
CA PHE A 189 1.84 -10.34 -4.35
C PHE A 189 1.06 -10.34 -3.05
N ASP A 190 0.11 -9.43 -2.92
CA ASP A 190 -0.68 -9.34 -1.71
C ASP A 190 -2.04 -9.97 -1.88
N VAL A 191 -2.56 -10.52 -0.78
CA VAL A 191 -3.90 -11.04 -0.76
C VAL A 191 -4.60 -10.33 0.39
N PHE A 192 -5.70 -9.64 0.09
CA PHE A 192 -6.41 -8.90 1.11
C PHE A 192 -7.92 -9.04 0.94
N PRO A 193 -8.70 -8.77 2.01
CA PRO A 193 -10.16 -8.85 1.85
C PRO A 193 -10.63 -7.78 0.87
N GLU A 194 -11.70 -8.06 0.14
CA GLU A 194 -12.28 -7.01 -0.71
C GLU A 194 -12.63 -5.81 0.18
N GLY A 195 -12.25 -4.63 -0.28
CA GLY A 195 -12.41 -3.41 0.48
C GLY A 195 -11.17 -2.99 1.25
N TRP A 196 -10.17 -3.88 1.35
CA TRP A 196 -8.95 -3.50 2.07
C TRP A 196 -7.85 -2.99 1.14
N ASP A 197 -8.25 -2.36 0.05
CA ASP A 197 -7.34 -1.52 -0.72
C ASP A 197 -7.29 -0.17 -0.01
N LYS A 198 -6.64 0.81 -0.62
CA LYS A 198 -6.48 2.13 0.01
C LYS A 198 -7.77 2.78 0.59
N ARG A 199 -8.93 2.40 0.06
CA ARG A 199 -10.22 2.92 0.56
C ARG A 199 -10.49 2.66 2.05
N TYR A 200 -9.84 1.63 2.60
CA TYR A 200 -10.03 1.26 3.99
C TYR A 200 -9.79 2.43 4.92
N CYS A 201 -8.77 3.24 4.63
CA CYS A 201 -8.44 4.37 5.49
C CYS A 201 -9.56 5.41 5.56
N LEU A 202 -10.41 5.48 4.54
CA LEU A 202 -11.48 6.46 4.48
C LEU A 202 -12.53 6.23 5.56
N ASP A 203 -12.75 4.98 5.95
CA ASP A 203 -13.78 4.72 6.95
C ASP A 203 -13.47 5.39 8.29
N SER A 204 -12.21 5.35 8.70
CA SER A 204 -11.83 6.01 9.94
C SER A 204 -11.83 7.52 9.75
N LEU A 205 -11.37 7.97 8.58
CA LEU A 205 -11.29 9.41 8.29
C LEU A 205 -12.67 10.06 8.28
N ASP A 206 -13.69 9.26 7.99
CA ASP A 206 -15.09 9.70 8.02
C ASP A 206 -15.45 10.25 9.40
N GLN A 207 -14.79 9.74 10.45
CA GLN A 207 -15.12 10.13 11.82
C GLN A 207 -14.39 11.40 12.30
N ASP A 208 -13.57 11.99 11.44
CA ASP A 208 -12.72 13.11 11.85
C ASP A 208 -13.18 14.45 11.29
N SER A 209 -14.38 14.47 10.72
CA SER A 209 -15.07 15.71 10.33
C SER A 209 -14.27 16.63 9.41
N PHE A 210 -13.76 16.07 8.32
CA PHE A 210 -13.11 16.89 7.32
C PHE A 210 -14.19 17.39 6.35
N ASP A 211 -14.08 18.64 5.93
CA ASP A 211 -15.00 19.19 4.96
C ASP A 211 -14.60 18.71 3.57
N THR A 212 -13.30 18.49 3.39
CA THR A 212 -12.78 18.04 2.11
C THR A 212 -11.58 17.13 2.32
N ILE A 213 -11.53 16.05 1.55
CA ILE A 213 -10.38 15.17 1.58
C ILE A 213 -9.80 15.07 0.19
N HIS A 214 -8.62 15.67 0.00
CA HIS A 214 -7.94 15.61 -1.28
C HIS A 214 -7.05 14.41 -1.29
N PHE A 215 -7.17 13.59 -2.32
CA PHE A 215 -6.27 12.46 -2.46
C PHE A 215 -5.39 12.60 -3.70
N PHE A 216 -4.10 12.31 -3.53
CA PHE A 216 -3.14 12.37 -4.63
C PHE A 216 -2.50 11.01 -4.79
N GLY A 217 -2.45 10.53 -6.02
CA GLY A 217 -1.88 9.22 -6.31
C GLY A 217 -1.40 9.15 -7.73
N ASN A 218 -0.45 8.25 -7.98
CA ASN A 218 0.12 8.12 -9.31
C ASN A 218 -0.34 6.87 -10.03
N GLU A 219 -1.24 6.11 -9.39
CA GLU A 219 -1.81 4.92 -10.01
C GLU A 219 -3.33 4.99 -10.00
N THR A 220 -3.87 6.12 -10.42
CA THR A 220 -5.31 6.37 -10.35
C THR A 220 -6.05 5.82 -11.55
N SER A 221 -5.30 5.41 -12.57
CA SER A 221 -5.91 4.68 -13.69
C SER A 221 -6.47 3.36 -13.18
N PRO A 222 -7.50 2.81 -13.87
CA PRO A 222 -8.02 1.49 -13.51
C PRO A 222 -6.91 0.46 -13.48
N GLY A 223 -6.98 -0.46 -12.52
CA GLY A 223 -5.89 -1.39 -12.32
C GLY A 223 -4.95 -1.01 -11.19
N GLY A 224 -4.57 0.27 -11.12
CA GLY A 224 -3.60 0.78 -10.16
C GLY A 224 -4.04 0.71 -8.70
N ASN A 225 -3.08 0.79 -7.77
CA ASN A 225 -3.42 0.64 -6.35
C ASN A 225 -4.02 1.90 -5.72
N ASP A 226 -4.07 2.98 -6.50
CA ASP A 226 -4.66 4.26 -6.09
C ASP A 226 -6.06 4.45 -6.65
N PHE A 227 -6.51 3.56 -7.52
CA PHE A 227 -7.77 3.80 -8.24
C PHE A 227 -8.99 3.97 -7.35
N GLU A 228 -9.16 3.06 -6.40
CA GLU A 228 -10.41 2.96 -5.68
C GLU A 228 -10.58 4.13 -4.73
N ILE A 229 -9.49 4.55 -4.11
CA ILE A 229 -9.55 5.66 -3.17
C ILE A 229 -9.68 6.97 -3.93
N PHE A 230 -9.07 7.03 -5.11
CA PHE A 230 -9.15 8.19 -5.99
C PHE A 230 -10.58 8.37 -6.52
N ALA A 231 -11.22 7.27 -6.89
CA ALA A 231 -12.55 7.34 -7.48
C ALA A 231 -13.67 7.48 -6.46
N ASP A 232 -13.37 7.14 -5.20
CA ASP A 232 -14.36 7.13 -4.13
C ASP A 232 -14.96 8.50 -3.93
N PRO A 233 -16.29 8.57 -3.81
CA PRO A 233 -16.92 9.88 -3.70
C PRO A 233 -16.59 10.62 -2.39
N ARG A 234 -15.86 9.99 -1.49
CA ARG A 234 -15.44 10.66 -0.26
C ARG A 234 -14.20 11.51 -0.45
N THR A 235 -13.56 11.40 -1.61
CA THR A 235 -12.39 12.22 -1.85
C THR A 235 -12.52 13.04 -3.11
N VAL A 236 -11.82 14.17 -3.12
CA VAL A 236 -11.51 14.91 -4.33
C VAL A 236 -10.24 14.28 -4.86
N GLY A 237 -10.32 13.63 -6.01
CA GLY A 237 -9.22 12.87 -6.55
C GLY A 237 -8.26 13.64 -7.44
N HIS A 238 -6.97 13.32 -7.31
CA HIS A 238 -5.93 13.97 -8.10
C HIS A 238 -4.93 12.96 -8.65
N SER A 239 -4.62 13.08 -9.94
CA SER A 239 -3.65 12.21 -10.58
C SER A 239 -2.35 12.94 -10.83
N VAL A 240 -1.28 12.29 -10.39
CA VAL A 240 0.04 12.88 -10.42
C VAL A 240 1.00 11.90 -11.05
N VAL A 241 2.09 12.40 -11.62
CA VAL A 241 3.07 11.55 -12.30
C VAL A 241 4.39 11.46 -11.54
N SER A 242 4.63 12.45 -10.68
CA SER A 242 5.89 12.56 -9.95
C SER A 242 5.70 13.35 -8.65
N PRO A 243 6.69 13.26 -7.75
CA PRO A 243 6.71 14.15 -6.58
C PRO A 243 6.69 15.63 -6.96
N GLN A 244 7.24 15.99 -8.11
CA GLN A 244 7.23 17.40 -8.53
C GLN A 244 5.85 17.79 -9.03
N ASP A 245 5.16 16.84 -9.67
CA ASP A 245 3.79 17.03 -10.13
C ASP A 245 2.88 17.21 -8.93
N THR A 246 3.17 16.50 -7.85
CA THR A 246 2.35 16.59 -6.66
C THR A 246 2.45 17.97 -6.03
N VAL A 247 3.68 18.43 -5.82
CA VAL A 247 3.95 19.74 -5.23
C VAL A 247 3.33 20.83 -6.08
N GLN A 248 3.54 20.68 -7.38
CA GLN A 248 2.93 21.52 -8.39
C GLN A 248 1.42 21.68 -8.13
N ARG A 249 0.72 20.55 -8.10
CA ARG A 249 -0.73 20.57 -7.94
C ARG A 249 -1.19 21.22 -6.64
N CYS A 250 -0.49 20.92 -5.54
CA CYS A 250 -0.84 21.48 -4.22
C CYS A 250 -0.59 22.99 -4.19
N ARG A 251 0.40 23.45 -4.94
CA ARG A 251 0.65 24.87 -5.05
C ARG A 251 -0.54 25.51 -5.73
N GLU A 252 -0.95 24.91 -6.84
CA GLU A 252 -2.02 25.47 -7.67
C GLU A 252 -3.33 25.58 -6.91
N ILE A 253 -3.61 24.59 -6.07
CA ILE A 253 -4.87 24.53 -5.37
C ILE A 253 -4.86 25.32 -4.06
N PHE A 254 -3.77 25.22 -3.31
CA PHE A 254 -3.73 25.80 -1.97
C PHE A 254 -2.93 27.09 -1.89
N PHE A 255 -2.02 27.28 -2.82
CA PHE A 255 -1.23 28.52 -2.85
C PHE A 255 -1.32 29.24 -4.20
N PRO A 256 -2.54 29.59 -4.65
CA PRO A 256 -2.68 30.18 -5.99
C PRO A 256 -2.43 31.70 -5.99
MG MG B . 2.18 5.45 -5.91
MG MG C . -12.78 10.69 -5.08
#